data_3SQD
#
_entry.id   3SQD
#
_cell.length_a   84.973
_cell.length_b   101.812
_cell.length_c   61.815
_cell.angle_alpha   90.000
_cell.angle_beta   90.000
_cell.angle_gamma   90.000
#
_symmetry.space_group_name_H-M   'P 21 21 2'
#
loop_
_entity.id
_entity.type
_entity.pdbx_description
1 polymer 'PAX-interacting protein 1'
2 polymer 'Histone H2A.x'
3 water water
#
loop_
_entity_poly.entity_id
_entity_poly.type
_entity_poly.pdbx_seq_one_letter_code
_entity_poly.pdbx_strand_id
1 'polypeptide(L)'
;MGHHHHHHMKLTPELTPFVLFTGFEPVQVQQYIKKLYILGGEVAESAQKCTHLIASKVTRTVKFLTAISVVKHIVTPEWL
EECFRCQKFIDEQNYILRDAEAEVLFSFSLEESLKRAHVSPLFKAKYFYITPGICPSLSTMKAIVECAGGKVLSKQPSFR
KLMEHKQNSSLSEIILISCENDLHLCREYFARGIDVHNAEFVLTGVLTQTLDYESYKFN
;
A,B
2 'polypeptide(L)' KKATQA(SEP)QEY C,D
#
# COMPACT_ATOMS: atom_id res chain seq x y z
N MET A 9 1.08 31.05 10.72
CA MET A 9 -0.12 30.55 10.05
C MET A 9 0.24 29.79 8.77
N LYS A 10 1.53 29.73 8.49
CA LYS A 10 2.06 29.02 7.32
C LYS A 10 3.48 28.60 7.63
N LEU A 11 3.69 27.30 7.81
CA LEU A 11 4.98 26.78 8.27
C LEU A 11 5.57 25.77 7.27
N THR A 12 6.83 25.44 7.44
CA THR A 12 7.48 24.43 6.61
C THR A 12 6.92 23.05 6.93
N PRO A 13 6.93 22.14 5.94
CA PRO A 13 6.31 20.82 6.12
C PRO A 13 6.78 20.11 7.39
N GLU A 14 8.08 20.18 7.67
CA GLU A 14 8.65 19.48 8.82
C GLU A 14 8.30 20.18 10.13
N LEU A 15 7.66 21.34 10.03
CA LEU A 15 7.22 22.10 11.21
C LEU A 15 5.71 22.07 11.36
N THR A 16 5.03 21.41 10.44
CA THR A 16 3.58 21.42 10.45
C THR A 16 3.06 20.21 11.22
N PRO A 17 2.31 20.47 12.30
CA PRO A 17 1.65 19.33 12.96
C PRO A 17 0.55 18.75 12.08
N PHE A 18 0.55 17.43 11.94
CA PHE A 18 -0.54 16.71 11.29
C PHE A 18 -1.30 15.95 12.38
N VAL A 19 -2.51 16.38 12.63
CA VAL A 19 -3.22 15.97 13.83
C VAL A 19 -4.41 15.06 13.55
N LEU A 20 -4.54 14.03 14.39
CA LEU A 20 -5.76 13.21 14.47
C LEU A 20 -6.43 13.45 15.82
N PHE A 21 -7.76 13.49 15.81
CA PHE A 21 -8.56 13.64 17.02
C PHE A 21 -9.32 12.35 17.29
N THR A 22 -9.37 11.92 18.54
CA THR A 22 -10.21 10.77 18.86
C THR A 22 -10.93 10.96 20.17
N GLY A 23 -12.22 10.62 20.17
CA GLY A 23 -13.02 10.69 21.39
C GLY A 23 -13.74 11.99 21.67
N PHE A 24 -14.00 12.80 20.64
CA PHE A 24 -14.64 14.08 20.85
C PHE A 24 -15.95 14.18 20.07
N GLU A 25 -16.90 14.94 20.60
CA GLU A 25 -18.15 15.20 19.89
C GLU A 25 -17.82 15.97 18.60
N PRO A 26 -18.60 15.73 17.54
CA PRO A 26 -18.43 16.44 16.26
C PRO A 26 -18.27 17.96 16.39
N VAL A 27 -19.07 18.61 17.23
CA VAL A 27 -18.95 20.06 17.32
C VAL A 27 -17.60 20.47 17.94
N GLN A 28 -17.15 19.75 18.97
CA GLN A 28 -15.85 20.08 19.55
C GLN A 28 -14.79 19.96 18.46
N VAL A 29 -14.86 18.88 17.70
CA VAL A 29 -13.85 18.59 16.67
C VAL A 29 -13.81 19.71 15.63
N GLN A 30 -15.00 20.19 15.22
CA GLN A 30 -15.12 21.29 14.28
C GLN A 30 -14.34 22.50 14.78
N GLN A 31 -14.55 22.82 16.04
CA GLN A 31 -13.91 23.96 16.67
C GLN A 31 -12.40 23.78 16.79
N TYR A 32 -11.96 22.61 17.24
CA TYR A 32 -10.53 22.29 17.29
C TYR A 32 -9.90 22.43 15.90
N ILE A 33 -10.61 21.97 14.88
CA ILE A 33 -10.09 22.04 13.52
C ILE A 33 -9.90 23.49 13.04
N LYS A 34 -10.92 24.33 13.22
CA LYS A 34 -10.76 25.75 12.92
C LYS A 34 -9.49 26.32 13.57
N LYS A 35 -9.31 26.04 14.85
CA LYS A 35 -8.15 26.54 15.57
C LYS A 35 -6.86 25.98 14.99
N LEU A 36 -6.88 24.70 14.65
CA LEU A 36 -5.70 24.03 14.13
C LEU A 36 -5.21 24.74 12.89
N TYR A 37 -6.12 25.00 11.96
CA TYR A 37 -5.79 25.59 10.66
C TYR A 37 -5.34 27.03 10.72
N ILE A 38 -5.97 27.81 11.60
CA ILE A 38 -5.54 29.18 11.87
C ILE A 38 -4.09 29.19 12.30
N LEU A 39 -3.69 28.17 13.07
CA LEU A 39 -2.32 28.07 13.55
C LEU A 39 -1.36 27.55 12.47
N GLY A 40 -1.91 27.07 11.36
CA GLY A 40 -1.07 26.51 10.33
C GLY A 40 -0.81 25.02 10.50
N GLY A 41 -1.58 24.37 11.39
CA GLY A 41 -1.58 22.93 11.49
C GLY A 41 -2.54 22.33 10.47
N GLU A 42 -2.55 21.01 10.34
CA GLU A 42 -3.51 20.33 9.46
C GLU A 42 -4.04 19.05 10.09
N VAL A 43 -5.23 18.63 9.66
CA VAL A 43 -5.74 17.30 9.98
C VAL A 43 -4.97 16.28 9.14
N ALA A 44 -4.46 15.22 9.77
CA ALA A 44 -3.71 14.19 9.06
C ALA A 44 -4.59 13.42 8.07
N GLU A 45 -4.02 13.06 6.93
CA GLU A 45 -4.74 12.26 5.92
C GLU A 45 -4.97 10.83 6.39
N SER A 46 -4.16 10.38 7.35
CA SER A 46 -4.21 9.02 7.88
C SER A 46 -3.28 8.86 9.09
N ALA A 47 -3.43 7.77 9.84
CA ALA A 47 -2.55 7.51 10.97
C ALA A 47 -1.09 7.58 10.54
N GLN A 48 -0.81 7.02 9.37
CA GLN A 48 0.56 6.85 8.93
C GLN A 48 1.23 8.19 8.68
N LYS A 49 0.42 9.21 8.45
CA LYS A 49 0.97 10.55 8.20
C LYS A 49 0.78 11.49 9.39
N CYS A 50 0.37 10.93 10.52
CA CYS A 50 0.07 11.73 11.70
C CYS A 50 1.27 11.99 12.60
N THR A 51 1.46 13.24 13.03
CA THR A 51 2.50 13.57 14.01
C THR A 51 1.96 13.69 15.43
N HIS A 52 0.74 14.20 15.54
CA HIS A 52 0.11 14.40 16.85
C HIS A 52 -1.26 13.71 16.93
N LEU A 53 -1.47 12.89 17.94
CA LEU A 53 -2.80 12.39 18.24
C LEU A 53 -3.34 13.15 19.44
N ILE A 54 -4.52 13.74 19.30
CA ILE A 54 -5.13 14.44 20.40
C ILE A 54 -6.19 13.55 21.01
N ALA A 55 -6.09 13.35 22.32
CA ALA A 55 -6.96 12.46 23.05
C ALA A 55 -6.92 12.88 24.50
N SER A 56 -8.06 12.83 25.18
CA SER A 56 -8.09 13.21 26.59
C SER A 56 -7.95 12.00 27.52
N LYS A 57 -7.86 10.81 26.94
CA LYS A 57 -7.64 9.64 27.76
C LYS A 57 -7.15 8.52 26.87
N VAL A 58 -6.66 7.46 27.49
CA VAL A 58 -6.26 6.28 26.73
C VAL A 58 -7.55 5.59 26.30
N THR A 59 -7.74 5.50 24.99
CA THR A 59 -9.01 5.06 24.42
C THR A 59 -8.71 4.13 23.26
N ARG A 60 -9.25 2.92 23.29
CA ARG A 60 -8.87 1.92 22.31
C ARG A 60 -9.74 2.04 21.03
N THR A 61 -9.58 3.15 20.33
CA THR A 61 -10.27 3.36 19.07
C THR A 61 -9.30 2.94 17.96
N VAL A 62 -9.81 2.83 16.74
CA VAL A 62 -8.96 2.51 15.62
C VAL A 62 -7.87 3.58 15.49
N LYS A 63 -8.26 4.85 15.65
CA LYS A 63 -7.30 5.95 15.55
C LYS A 63 -6.19 5.83 16.56
N PHE A 64 -6.55 5.52 17.80
CA PHE A 64 -5.54 5.47 18.83
C PHE A 64 -4.59 4.31 18.52
N LEU A 65 -5.16 3.18 18.11
CA LEU A 65 -4.38 1.95 18.00
C LEU A 65 -3.53 1.85 16.74
N THR A 66 -3.86 2.66 15.75
CA THR A 66 -2.99 2.81 14.56
C THR A 66 -2.00 3.93 14.84
N ALA A 67 -2.50 5.08 15.29
CA ALA A 67 -1.62 6.21 15.57
C ALA A 67 -0.47 5.89 16.51
N ILE A 68 -0.74 5.11 17.55
CA ILE A 68 0.26 4.90 18.59
C ILE A 68 1.60 4.35 18.05
N SER A 69 1.53 3.66 16.90
CA SER A 69 2.70 3.03 16.34
C SER A 69 3.50 4.00 15.50
N VAL A 70 2.93 5.17 15.19
CA VAL A 70 3.61 6.09 14.28
C VAL A 70 3.77 7.53 14.74
N VAL A 71 2.92 8.00 15.65
CA VAL A 71 2.93 9.41 15.99
C VAL A 71 4.10 9.80 16.87
N LYS A 72 4.42 11.08 16.85
CA LYS A 72 5.48 11.60 17.68
C LYS A 72 4.95 11.91 19.07
N HIS A 73 3.69 12.32 19.13
CA HIS A 73 3.14 12.86 20.35
C HIS A 73 1.68 12.44 20.53
N ILE A 74 1.34 12.03 21.74
CA ILE A 74 -0.06 11.93 22.11
C ILE A 74 -0.31 12.96 23.20
N VAL A 75 -1.11 13.96 22.88
CA VAL A 75 -1.37 15.03 23.83
C VAL A 75 -2.86 15.29 24.04
N THR A 76 -3.15 15.96 25.14
CA THR A 76 -4.51 16.32 25.50
C THR A 76 -4.90 17.52 24.66
N PRO A 77 -6.20 17.73 24.47
CA PRO A 77 -6.67 18.90 23.70
C PRO A 77 -6.29 20.23 24.36
N GLU A 78 -6.03 20.21 25.65
CA GLU A 78 -5.50 21.40 26.32
C GLU A 78 -4.25 21.93 25.60
N TRP A 79 -3.44 21.05 25.00
CA TRP A 79 -2.29 21.50 24.22
C TRP A 79 -2.72 22.46 23.12
N LEU A 80 -3.68 22.00 22.32
CA LEU A 80 -4.19 22.78 21.21
C LEU A 80 -4.85 24.09 21.67
N GLU A 81 -5.55 24.07 22.80
CA GLU A 81 -6.20 25.28 23.32
C GLU A 81 -5.15 26.32 23.75
N GLU A 82 -4.08 25.86 24.37
CA GLU A 82 -3.02 26.76 24.75
C GLU A 82 -2.26 27.27 23.51
N CYS A 83 -2.06 26.40 22.53
CA CYS A 83 -1.41 26.82 21.28
C CYS A 83 -2.20 27.94 20.65
N PHE A 84 -3.52 27.78 20.61
CA PHE A 84 -4.37 28.75 19.95
C PHE A 84 -4.39 30.06 20.72
N ARG A 85 -4.35 29.94 22.04
CA ARG A 85 -4.35 31.09 22.91
C ARG A 85 -3.12 31.96 22.62
N CYS A 86 -1.98 31.30 22.50
CA CYS A 86 -0.69 31.94 22.26
C CYS A 86 -0.44 32.25 20.78
N GLN A 87 -1.36 31.81 19.93
CA GLN A 87 -1.20 31.93 18.49
C GLN A 87 0.10 31.32 17.97
N LYS A 88 0.62 30.30 18.65
CA LYS A 88 1.75 29.55 18.10
C LYS A 88 1.72 28.13 18.63
N PHE A 89 2.44 27.22 17.98
CA PHE A 89 2.54 25.87 18.50
C PHE A 89 3.57 25.79 19.60
N ILE A 90 3.10 25.52 20.82
CA ILE A 90 3.99 25.45 21.95
C ILE A 90 4.46 24.02 22.19
N ASP A 91 5.43 23.86 23.08
CA ASP A 91 5.99 22.55 23.35
C ASP A 91 4.97 21.57 23.92
N GLU A 92 5.16 20.28 23.60
CA GLU A 92 4.17 19.25 23.91
C GLU A 92 4.26 18.74 25.34
N GLN A 93 5.42 18.87 25.96
CA GLN A 93 5.74 18.21 27.22
C GLN A 93 4.70 18.34 28.32
N ASN A 94 4.17 19.54 28.52
CA ASN A 94 3.24 19.76 29.61
C ASN A 94 1.86 19.24 29.31
N TYR A 95 1.68 18.63 28.14
CA TYR A 95 0.36 18.21 27.69
C TYR A 95 0.33 16.76 27.26
N ILE A 96 1.39 16.04 27.58
CA ILE A 96 1.47 14.64 27.27
C ILE A 96 0.33 13.91 27.98
N LEU A 97 -0.35 13.01 27.25
CA LEU A 97 -1.47 12.25 27.82
C LEU A 97 -0.97 11.31 28.92
N ARG A 98 -1.46 11.52 30.13
CA ARG A 98 -1.13 10.68 31.27
C ARG A 98 -2.42 10.16 31.92
N ASP A 99 -2.76 8.90 31.62
CA ASP A 99 -3.99 8.27 32.09
C ASP A 99 -3.61 7.20 33.12
N ALA A 100 -3.51 7.62 34.38
CA ALA A 100 -3.08 6.75 35.46
C ALA A 100 -3.95 5.51 35.54
N GLU A 101 -5.24 5.67 35.35
CA GLU A 101 -6.14 4.52 35.44
C GLU A 101 -5.89 3.48 34.34
N ALA A 102 -5.85 3.93 33.08
CA ALA A 102 -5.58 3.01 31.97
C ALA A 102 -4.20 2.35 32.11
N GLU A 103 -3.22 3.10 32.61
CA GLU A 103 -1.88 2.57 32.76
C GLU A 103 -1.81 1.45 33.78
N VAL A 104 -2.56 1.59 34.86
CA VAL A 104 -2.67 0.52 35.83
C VAL A 104 -3.47 -0.59 35.20
N LEU A 105 -4.55 -0.24 34.51
CA LEU A 105 -5.42 -1.28 33.98
C LEU A 105 -4.66 -2.21 33.03
N PHE A 106 -3.89 -1.63 32.11
CA PHE A 106 -3.20 -2.44 31.09
C PHE A 106 -1.72 -2.65 31.44
N SER A 107 -1.33 -2.26 32.65
CA SER A 107 0.04 -2.55 33.14
C SER A 107 1.12 -2.00 32.22
N PHE A 108 1.01 -0.74 31.84
CA PHE A 108 2.00 -0.20 30.94
C PHE A 108 2.17 1.29 31.18
N SER A 109 3.16 1.87 30.52
CA SER A 109 3.33 3.30 30.50
C SER A 109 3.20 3.72 29.05
N LEU A 110 2.34 4.69 28.81
CA LEU A 110 2.09 5.14 27.46
C LEU A 110 3.37 5.76 26.89
N GLU A 111 4.07 6.50 27.73
CA GLU A 111 5.37 7.06 27.38
C GLU A 111 6.33 5.95 26.93
N GLU A 112 6.34 4.85 27.65
CA GLU A 112 7.21 3.73 27.28
C GLU A 112 6.79 3.15 25.92
N SER A 113 5.48 3.15 25.65
CA SER A 113 5.00 2.62 24.37
C SER A 113 5.49 3.45 23.19
N LEU A 114 5.38 4.76 23.32
CA LEU A 114 5.84 5.66 22.29
C LEU A 114 7.34 5.49 22.07
N LYS A 115 8.11 5.42 23.14
CA LYS A 115 9.56 5.17 23.03
C LYS A 115 9.85 3.89 22.25
N ARG A 116 9.20 2.80 22.61
CA ARG A 116 9.42 1.55 21.87
C ARG A 116 9.00 1.65 20.40
N ALA A 117 7.86 2.27 20.16
CA ALA A 117 7.39 2.48 18.78
C ALA A 117 8.47 3.17 17.93
N HIS A 118 9.11 4.19 18.50
CA HIS A 118 10.10 4.96 17.75
C HIS A 118 11.36 4.13 17.46
N VAL A 119 11.75 3.29 18.40
CA VAL A 119 12.90 2.44 18.21
C VAL A 119 12.66 1.44 17.07
N SER A 120 11.47 0.89 16.98
CA SER A 120 11.28 -0.22 16.07
C SER A 120 9.81 -0.57 16.00
N PRO A 121 9.30 -0.91 14.81
CA PRO A 121 7.90 -1.31 14.65
C PRO A 121 7.68 -2.66 15.34
N LEU A 122 6.72 -2.68 16.26
CA LEU A 122 6.45 -3.85 17.09
C LEU A 122 6.33 -5.14 16.27
N PHE A 123 5.69 -5.06 15.10
CA PHE A 123 5.43 -6.22 14.26
C PHE A 123 6.34 -6.28 13.03
N LYS A 124 7.49 -5.63 13.13
CA LYS A 124 8.54 -5.76 12.12
C LYS A 124 8.78 -7.23 11.81
N ALA A 125 8.70 -7.60 10.53
CA ALA A 125 9.01 -8.96 10.08
C ALA A 125 8.03 -10.01 10.60
N LYS A 126 6.78 -9.61 10.78
CA LYS A 126 5.77 -10.56 11.22
C LYS A 126 4.61 -10.55 10.28
N TYR A 127 4.10 -11.74 10.00
CA TYR A 127 2.94 -11.89 9.17
C TYR A 127 1.84 -12.45 10.06
N PHE A 128 0.62 -11.99 9.82
CA PHE A 128 -0.50 -12.47 10.59
C PHE A 128 -1.53 -13.12 9.66
N TYR A 129 -2.04 -14.28 10.04
CA TYR A 129 -3.29 -14.68 9.42
C TYR A 129 -4.42 -14.51 10.43
N ILE A 130 -5.46 -13.83 10.00
CA ILE A 130 -6.59 -13.49 10.87
C ILE A 130 -7.87 -14.02 10.25
N THR A 131 -8.56 -14.90 10.98
CA THR A 131 -9.79 -15.50 10.47
C THR A 131 -10.87 -14.44 10.18
N PRO A 132 -11.75 -14.73 9.21
CA PRO A 132 -12.64 -13.67 8.70
C PRO A 132 -13.66 -13.13 9.71
N GLY A 133 -14.00 -13.91 10.74
CA GLY A 133 -15.06 -13.54 11.65
C GLY A 133 -14.61 -12.65 12.80
N ILE A 134 -13.35 -12.21 12.73
CA ILE A 134 -12.74 -11.47 13.83
C ILE A 134 -13.50 -10.19 14.23
N CYS A 135 -13.39 -9.82 15.51
CA CYS A 135 -13.90 -8.53 15.97
C CYS A 135 -12.82 -7.83 16.80
N PRO A 136 -12.54 -6.55 16.52
CA PRO A 136 -13.14 -5.67 15.50
C PRO A 136 -12.86 -6.19 14.10
N SER A 137 -13.41 -5.53 13.10
CA SER A 137 -13.36 -6.02 11.73
C SER A 137 -11.96 -6.34 11.25
N LEU A 138 -11.90 -7.21 10.25
CA LEU A 138 -10.66 -7.59 9.61
C LEU A 138 -9.92 -6.35 9.12
N SER A 139 -10.67 -5.41 8.54
CA SER A 139 -10.06 -4.17 8.04
C SER A 139 -9.41 -3.36 9.15
N THR A 140 -10.05 -3.34 10.30
CA THR A 140 -9.52 -2.63 11.45
C THR A 140 -8.25 -3.32 11.98
N MET A 141 -8.31 -4.64 12.14
CA MET A 141 -7.16 -5.38 12.63
C MET A 141 -5.98 -5.15 11.69
N LYS A 142 -6.27 -5.18 10.40
CA LYS A 142 -5.26 -5.02 9.36
C LYS A 142 -4.58 -3.66 9.41
N ALA A 143 -5.37 -2.61 9.62
CA ALA A 143 -4.77 -1.29 9.67
C ALA A 143 -3.92 -1.18 10.94
N ILE A 144 -4.35 -1.83 12.01
CA ILE A 144 -3.59 -1.77 13.25
C ILE A 144 -2.30 -2.58 13.09
N VAL A 145 -2.40 -3.76 12.48
CA VAL A 145 -1.22 -4.59 12.27
C VAL A 145 -0.19 -3.88 11.39
N GLU A 146 -0.67 -3.24 10.33
CA GLU A 146 0.24 -2.63 9.37
C GLU A 146 0.97 -1.40 9.88
N CYS A 147 0.26 -0.52 10.60
CA CYS A 147 0.91 0.64 11.23
C CYS A 147 2.01 0.20 12.16
N ALA A 148 1.88 -1.02 12.67
CA ALA A 148 2.87 -1.54 13.57
C ALA A 148 3.94 -2.34 12.80
N GLY A 149 3.90 -2.26 11.47
CA GLY A 149 4.94 -2.89 10.66
C GLY A 149 4.70 -4.33 10.21
N GLY A 150 3.57 -4.91 10.59
CA GLY A 150 3.30 -6.28 10.21
C GLY A 150 2.58 -6.35 8.89
N LYS A 151 2.36 -7.55 8.39
CA LYS A 151 1.58 -7.75 7.17
C LYS A 151 0.51 -8.74 7.51
N VAL A 152 -0.64 -8.61 6.87
CA VAL A 152 -1.71 -9.56 7.07
C VAL A 152 -1.80 -10.47 5.85
N LEU A 153 -1.67 -11.79 6.09
CA LEU A 153 -1.83 -12.78 5.02
C LEU A 153 -3.29 -12.95 4.64
N SER A 154 -3.58 -12.78 3.35
CA SER A 154 -4.97 -12.86 2.92
C SER A 154 -5.44 -14.30 2.89
N LYS A 155 -4.52 -15.23 2.66
CA LYS A 155 -4.90 -16.64 2.58
C LYS A 155 -4.47 -17.43 3.80
N GLN A 156 -5.33 -18.35 4.22
CA GLN A 156 -5.04 -19.17 5.36
C GLN A 156 -3.83 -20.03 5.02
N PRO A 157 -2.79 -19.97 5.86
CA PRO A 157 -1.55 -20.69 5.57
C PRO A 157 -1.66 -22.19 5.82
N SER A 158 -1.05 -22.96 4.92
CA SER A 158 -1.06 -24.40 5.02
C SER A 158 -0.07 -24.81 6.12
N PHE A 159 -0.18 -26.05 6.59
CA PHE A 159 0.78 -26.58 7.54
C PHE A 159 2.20 -26.49 6.97
N ARG A 160 2.31 -26.75 5.67
CA ARG A 160 3.60 -26.71 5.01
C ARG A 160 4.20 -25.30 5.08
N LYS A 161 3.40 -24.29 4.74
CA LYS A 161 3.87 -22.90 4.83
C LYS A 161 4.32 -22.54 6.23
N LEU A 162 3.57 -23.00 7.23
CA LEU A 162 3.88 -22.63 8.59
C LEU A 162 5.21 -23.23 8.98
N MET A 163 5.42 -24.49 8.62
CA MET A 163 6.68 -25.14 8.96
C MET A 163 7.85 -24.45 8.27
N GLU A 164 7.65 -24.12 7.00
CA GLU A 164 8.74 -23.54 6.22
C GLU A 164 9.14 -22.15 6.70
N HIS A 165 8.17 -21.38 7.19
CA HIS A 165 8.54 -20.10 7.79
C HIS A 165 9.39 -20.35 9.02
N LYS A 166 9.02 -21.35 9.82
CA LYS A 166 9.77 -21.62 11.05
C LYS A 166 11.17 -22.16 10.77
N GLN A 167 11.34 -22.81 9.63
CA GLN A 167 12.62 -23.47 9.31
C GLN A 167 13.60 -22.55 8.57
N ASN A 168 13.16 -21.36 8.20
CA ASN A 168 14.02 -20.45 7.45
C ASN A 168 14.17 -19.08 8.10
N SER A 169 15.39 -18.77 8.52
CA SER A 169 15.63 -17.52 9.21
C SER A 169 15.33 -16.36 8.27
N SER A 170 15.38 -16.63 6.97
CA SER A 170 15.15 -15.59 5.98
C SER A 170 13.66 -15.28 5.77
N LEU A 171 12.78 -16.09 6.36
CA LEU A 171 11.33 -15.87 6.20
C LEU A 171 10.68 -15.31 7.48
N SER A 172 9.70 -14.44 7.33
CA SER A 172 9.05 -13.81 8.49
C SER A 172 8.31 -14.82 9.37
N GLU A 173 8.27 -14.54 10.67
CA GLU A 173 7.43 -15.27 11.60
C GLU A 173 5.95 -15.13 11.23
N ILE A 174 5.19 -16.21 11.33
CA ILE A 174 3.75 -16.15 11.11
C ILE A 174 3.03 -16.25 12.45
N ILE A 175 2.01 -15.41 12.63
CA ILE A 175 1.20 -15.44 13.84
C ILE A 175 -0.28 -15.61 13.47
N LEU A 176 -0.97 -16.51 14.15
CA LEU A 176 -2.36 -16.76 13.82
C LEU A 176 -3.29 -16.13 14.84
N ILE A 177 -4.30 -15.41 14.36
CA ILE A 177 -5.23 -14.73 15.23
C ILE A 177 -6.63 -15.20 14.94
N SER A 178 -7.39 -15.56 15.97
CA SER A 178 -8.76 -15.98 15.74
C SER A 178 -9.73 -15.52 16.84
N CYS A 179 -10.97 -16.00 16.80
CA CYS A 179 -11.97 -15.71 17.83
C CYS A 179 -12.85 -16.92 18.11
N GLU A 180 -13.64 -16.88 19.18
CA GLU A 180 -14.48 -18.02 19.55
C GLU A 180 -15.29 -18.51 18.37
N ASN A 181 -15.99 -17.60 17.70
CA ASN A 181 -16.81 -17.97 16.55
C ASN A 181 -16.11 -18.71 15.41
N ASP A 182 -14.77 -18.61 15.34
CA ASP A 182 -14.05 -19.19 14.21
C ASP A 182 -13.14 -20.36 14.56
N LEU A 183 -13.13 -20.76 15.84
CA LEU A 183 -12.19 -21.78 16.28
C LEU A 183 -12.36 -23.10 15.55
N HIS A 184 -13.56 -23.34 15.01
CA HIS A 184 -13.81 -24.56 14.27
C HIS A 184 -12.92 -24.63 13.03
N LEU A 185 -12.50 -23.45 12.57
CA LEU A 185 -11.62 -23.35 11.41
C LEU A 185 -10.22 -23.82 11.76
N CYS A 186 -9.87 -23.75 13.04
CA CYS A 186 -8.51 -24.01 13.50
C CYS A 186 -8.34 -25.38 14.14
N ARG A 187 -9.38 -26.21 14.07
CA ARG A 187 -9.34 -27.49 14.79
C ARG A 187 -8.10 -28.29 14.41
N GLU A 188 -7.89 -28.50 13.12
CA GLU A 188 -6.73 -29.24 12.64
C GLU A 188 -5.41 -28.56 13.01
N TYR A 189 -5.41 -27.24 13.08
CA TYR A 189 -4.20 -26.55 13.52
C TYR A 189 -3.85 -26.88 14.96
N PHE A 190 -4.84 -26.82 15.86
CA PHE A 190 -4.56 -27.19 17.26
C PHE A 190 -4.05 -28.62 17.39
N ALA A 191 -4.60 -29.53 16.61
CA ALA A 191 -4.16 -30.92 16.67
C ALA A 191 -2.69 -31.04 16.30
N ARG A 192 -2.24 -30.15 15.42
CA ARG A 192 -0.85 -30.12 14.97
C ARG A 192 0.07 -29.46 16.01
N GLY A 193 -0.50 -28.92 17.07
CA GLY A 193 0.29 -28.13 18.02
C GLY A 193 0.65 -26.72 17.55
N ILE A 194 -0.17 -26.12 16.68
CA ILE A 194 0.03 -24.74 16.26
C ILE A 194 -0.67 -23.77 17.21
N ASP A 195 -0.01 -22.66 17.52
CA ASP A 195 -0.64 -21.65 18.38
C ASP A 195 -1.61 -20.76 17.62
N VAL A 196 -2.72 -20.42 18.27
CA VAL A 196 -3.62 -19.40 17.75
C VAL A 196 -3.93 -18.46 18.89
N HIS A 197 -3.90 -17.16 18.62
CA HIS A 197 -4.14 -16.16 19.65
C HIS A 197 -5.43 -15.40 19.38
N ASN A 198 -5.99 -14.79 20.42
CA ASN A 198 -7.16 -13.95 20.25
C ASN A 198 -6.74 -12.53 19.87
N ALA A 199 -7.70 -11.69 19.47
CA ALA A 199 -7.42 -10.34 18.97
C ALA A 199 -6.57 -9.47 19.90
N GLU A 200 -6.62 -9.71 21.19
CA GLU A 200 -5.87 -8.88 22.13
C GLU A 200 -4.36 -8.98 21.93
N PHE A 201 -3.90 -10.06 21.29
CA PHE A 201 -2.47 -10.15 20.99
C PHE A 201 -2.10 -8.90 20.18
N VAL A 202 -2.98 -8.49 19.29
CA VAL A 202 -2.77 -7.30 18.51
C VAL A 202 -3.19 -6.02 19.24
N LEU A 203 -4.44 -5.99 19.72
CA LEU A 203 -4.97 -4.78 20.34
C LEU A 203 -4.16 -4.37 21.55
N THR A 204 -4.02 -5.28 22.51
CA THR A 204 -3.25 -4.93 23.70
C THR A 204 -1.77 -4.87 23.38
N GLY A 205 -1.32 -5.71 22.44
CA GLY A 205 0.08 -5.72 22.06
C GLY A 205 0.52 -4.35 21.56
N VAL A 206 -0.23 -3.79 20.62
CA VAL A 206 0.10 -2.48 20.09
C VAL A 206 0.00 -1.36 21.15
N LEU A 207 -1.04 -1.40 21.98
CA LEU A 207 -1.19 -0.37 23.02
C LEU A 207 0.02 -0.33 23.97
N THR A 208 0.50 -1.50 24.35
CA THR A 208 1.57 -1.59 25.33
C THR A 208 2.91 -1.85 24.65
N GLN A 209 2.88 -1.91 23.31
CA GLN A 209 4.04 -2.28 22.48
C GLN A 209 4.80 -3.49 23.07
N THR A 210 4.07 -4.58 23.28
CA THR A 210 4.68 -5.84 23.71
C THR A 210 4.11 -6.98 22.91
N LEU A 211 4.91 -8.03 22.75
CA LEU A 211 4.46 -9.28 22.19
C LEU A 211 4.21 -10.21 23.37
N ASP A 212 3.01 -10.79 23.43
CA ASP A 212 2.65 -11.66 24.55
C ASP A 212 2.07 -12.95 24.00
N TYR A 213 2.91 -13.97 23.88
CA TYR A 213 2.48 -15.22 23.26
C TYR A 213 1.72 -16.13 24.22
N GLU A 214 1.55 -15.70 25.47
CA GLU A 214 0.92 -16.56 26.47
C GLU A 214 -0.44 -16.11 27.01
N SER A 215 -0.67 -14.81 27.12
CA SER A 215 -1.90 -14.35 27.77
C SER A 215 -3.11 -14.59 26.86
N TYR A 216 -2.91 -14.57 25.55
CA TYR A 216 -4.05 -14.54 24.63
C TYR A 216 -4.20 -15.78 23.77
N LYS A 217 -3.37 -16.77 24.05
CA LYS A 217 -3.39 -18.03 23.33
C LYS A 217 -4.59 -18.91 23.67
N PHE A 218 -5.29 -19.41 22.65
CA PHE A 218 -6.42 -20.33 22.85
C PHE A 218 -5.99 -21.70 23.38
N ASN A 219 -4.80 -22.15 23.01
CA ASN A 219 -4.31 -23.46 23.46
C ASN A 219 -4.63 -23.76 24.93
N LEU B 15 -1.71 5.01 -40.89
CA LEU B 15 -1.46 6.18 -40.06
C LEU B 15 -2.71 6.83 -39.45
N THR B 16 -3.75 6.04 -39.19
CA THR B 16 -4.88 6.52 -38.41
C THR B 16 -4.72 6.14 -36.93
N PRO B 17 -5.20 7.00 -36.02
CA PRO B 17 -5.11 6.77 -34.58
C PRO B 17 -5.84 5.50 -34.14
N PHE B 18 -5.18 4.73 -33.28
CA PHE B 18 -5.81 3.60 -32.62
C PHE B 18 -5.88 3.92 -31.14
N VAL B 19 -7.09 4.07 -30.64
CA VAL B 19 -7.31 4.65 -29.31
C VAL B 19 -7.70 3.61 -28.27
N LEU B 20 -7.04 3.68 -27.11
CA LEU B 20 -7.53 2.96 -25.95
C LEU B 20 -8.10 3.97 -24.96
N PHE B 21 -9.16 3.59 -24.26
CA PHE B 21 -9.71 4.41 -23.19
C PHE B 21 -9.56 3.69 -21.85
N THR B 22 -9.08 4.41 -20.84
CA THR B 22 -9.04 3.82 -19.51
C THR B 22 -9.54 4.80 -18.46
N GLY B 23 -10.44 4.32 -17.60
CA GLY B 23 -10.89 5.09 -16.45
C GLY B 23 -12.28 5.70 -16.56
N PHE B 24 -12.93 5.54 -17.71
CA PHE B 24 -14.24 6.15 -17.92
C PHE B 24 -15.39 5.16 -17.81
N GLU B 25 -16.57 5.68 -17.49
CA GLU B 25 -17.79 4.87 -17.49
C GLU B 25 -18.14 4.47 -18.92
N PRO B 26 -18.82 3.32 -19.08
CA PRO B 26 -19.21 2.78 -20.39
C PRO B 26 -19.87 3.84 -21.30
N VAL B 27 -20.92 4.47 -20.81
CA VAL B 27 -21.64 5.49 -21.58
C VAL B 27 -20.71 6.63 -22.01
N GLN B 28 -19.94 7.15 -21.07
CA GLN B 28 -19.05 8.28 -21.34
C GLN B 28 -18.06 7.93 -22.45
N VAL B 29 -17.62 6.67 -22.45
CA VAL B 29 -16.71 6.18 -23.47
C VAL B 29 -17.40 6.18 -24.85
N GLN B 30 -18.64 5.69 -24.87
CA GLN B 30 -19.48 5.68 -26.05
C GLN B 30 -19.44 7.04 -26.77
N GLN B 31 -19.66 8.10 -26.02
CA GLN B 31 -19.68 9.46 -26.58
C GLN B 31 -18.36 9.81 -27.27
N TYR B 32 -17.25 9.46 -26.63
CA TYR B 32 -15.93 9.71 -27.20
C TYR B 32 -15.76 8.94 -28.50
N ILE B 33 -16.25 7.70 -28.48
CA ILE B 33 -16.13 6.85 -29.66
C ILE B 33 -16.89 7.36 -30.89
N LYS B 34 -18.04 8.00 -30.68
CA LYS B 34 -18.78 8.54 -31.82
C LYS B 34 -17.94 9.60 -32.49
N LYS B 35 -17.36 10.48 -31.67
CA LYS B 35 -16.53 11.55 -32.17
C LYS B 35 -15.27 10.97 -32.84
N LEU B 36 -14.70 9.93 -32.23
CA LEU B 36 -13.53 9.26 -32.80
C LEU B 36 -13.82 8.72 -34.20
N TYR B 37 -14.97 8.06 -34.37
CA TYR B 37 -15.39 7.50 -35.67
C TYR B 37 -15.64 8.57 -36.72
N ILE B 38 -16.32 9.64 -36.32
CA ILE B 38 -16.57 10.77 -37.22
C ILE B 38 -15.25 11.30 -37.77
N LEU B 39 -14.25 11.42 -36.89
CA LEU B 39 -12.93 11.91 -37.27
C LEU B 39 -12.14 10.87 -38.05
N GLY B 40 -12.66 9.65 -38.12
CA GLY B 40 -12.01 8.60 -38.89
C GLY B 40 -11.10 7.75 -38.04
N GLY B 41 -11.12 7.98 -36.73
CA GLY B 41 -10.32 7.20 -35.81
C GLY B 41 -10.78 5.76 -35.66
N GLU B 42 -9.98 4.97 -34.95
CA GLU B 42 -10.32 3.58 -34.70
C GLU B 42 -10.04 3.21 -33.25
N VAL B 43 -10.93 2.43 -32.65
CA VAL B 43 -10.66 1.84 -31.35
C VAL B 43 -9.58 0.77 -31.51
N ALA B 44 -8.58 0.78 -30.64
CA ALA B 44 -7.44 -0.14 -30.76
C ALA B 44 -7.83 -1.57 -30.42
N GLU B 45 -7.38 -2.52 -31.23
CA GLU B 45 -7.66 -3.93 -30.97
C GLU B 45 -7.19 -4.26 -29.55
N SER B 46 -5.91 -4.00 -29.30
CA SER B 46 -5.32 -4.23 -28.00
C SER B 46 -4.38 -3.09 -27.69
N ALA B 47 -3.67 -3.25 -26.58
CA ALA B 47 -2.58 -2.38 -26.24
C ALA B 47 -1.40 -2.48 -27.22
N GLN B 48 -1.19 -3.67 -27.77
CA GLN B 48 -0.05 -3.88 -28.65
C GLN B 48 -0.22 -3.15 -29.99
N LYS B 49 -1.47 -3.00 -30.43
CA LYS B 49 -1.76 -2.24 -31.64
C LYS B 49 -2.42 -0.88 -31.37
N CYS B 50 -2.05 -0.26 -30.26
CA CYS B 50 -2.59 1.02 -29.86
C CYS B 50 -1.55 2.13 -30.02
N THR B 51 -1.97 3.26 -30.58
CA THR B 51 -1.12 4.43 -30.77
C THR B 51 -1.40 5.54 -29.77
N HIS B 52 -2.64 5.55 -29.25
CA HIS B 52 -3.07 6.58 -28.30
C HIS B 52 -3.84 5.99 -27.13
N LEU B 53 -3.40 6.32 -25.93
CA LEU B 53 -4.19 6.00 -24.75
C LEU B 53 -4.77 7.30 -24.23
N ILE B 54 -6.05 7.28 -23.88
CA ILE B 54 -6.69 8.47 -23.37
C ILE B 54 -7.21 8.21 -21.97
N ALA B 55 -6.75 9.02 -21.03
CA ALA B 55 -7.27 8.98 -19.67
C ALA B 55 -7.23 10.38 -19.10
N SER B 56 -8.08 10.64 -18.12
CA SER B 56 -8.12 11.94 -17.48
C SER B 56 -7.20 12.00 -16.26
N LYS B 57 -6.91 10.83 -15.69
CA LYS B 57 -5.94 10.72 -14.61
C LYS B 57 -5.01 9.51 -14.78
N VAL B 58 -3.82 9.59 -14.22
CA VAL B 58 -2.91 8.45 -14.20
C VAL B 58 -3.48 7.37 -13.29
N THR B 59 -3.87 6.25 -13.88
CA THR B 59 -4.51 5.18 -13.13
C THR B 59 -3.88 3.83 -13.47
N ARG B 60 -3.57 3.04 -12.44
CA ARG B 60 -2.89 1.78 -12.65
C ARG B 60 -3.84 0.64 -13.07
N THR B 61 -4.39 0.75 -14.27
CA THR B 61 -5.22 -0.29 -14.83
C THR B 61 -4.35 -1.13 -15.76
N VAL B 62 -4.87 -2.25 -16.25
CA VAL B 62 -4.06 -3.10 -17.11
C VAL B 62 -3.79 -2.38 -18.40
N LYS B 63 -4.78 -1.63 -18.89
CA LYS B 63 -4.62 -0.92 -20.14
C LYS B 63 -3.49 0.07 -19.98
N PHE B 64 -3.51 0.77 -18.87
CA PHE B 64 -2.53 1.83 -18.63
C PHE B 64 -1.14 1.24 -18.52
N LEU B 65 -1.01 0.20 -17.70
CA LEU B 65 0.30 -0.38 -17.43
C LEU B 65 0.87 -1.13 -18.63
N THR B 66 0.00 -1.69 -19.47
CA THR B 66 0.48 -2.29 -20.72
C THR B 66 0.73 -1.20 -21.77
N ALA B 67 -0.29 -0.38 -21.99
CA ALA B 67 -0.23 0.66 -22.99
C ALA B 67 1.03 1.52 -22.88
N ILE B 68 1.39 1.90 -21.65
CA ILE B 68 2.52 2.81 -21.46
C ILE B 68 3.83 2.33 -22.04
N SER B 69 3.97 1.03 -22.28
CA SER B 69 5.22 0.51 -22.82
C SER B 69 5.23 0.54 -24.34
N VAL B 70 4.04 0.62 -24.94
CA VAL B 70 3.94 0.45 -26.39
C VAL B 70 3.20 1.51 -27.20
N VAL B 71 2.59 2.50 -26.56
CA VAL B 71 1.88 3.54 -27.31
C VAL B 71 2.70 4.84 -27.43
N LYS B 72 2.39 5.61 -28.48
CA LYS B 72 3.10 6.86 -28.78
C LYS B 72 2.72 8.02 -27.88
N HIS B 73 1.46 8.08 -27.48
CA HIS B 73 0.99 9.21 -26.70
C HIS B 73 0.01 8.79 -25.64
N ILE B 74 0.05 9.48 -24.52
CA ILE B 74 -0.98 9.40 -23.49
C ILE B 74 -1.54 10.80 -23.26
N VAL B 75 -2.81 10.98 -23.61
CA VAL B 75 -3.42 12.30 -23.57
C VAL B 75 -4.77 12.31 -22.84
N THR B 76 -5.25 13.49 -22.50
CA THR B 76 -6.59 13.58 -21.93
C THR B 76 -7.64 13.54 -23.04
N PRO B 77 -8.90 13.28 -22.66
CA PRO B 77 -10.00 13.30 -23.62
C PRO B 77 -10.11 14.66 -24.28
N GLU B 78 -9.67 15.70 -23.58
CA GLU B 78 -9.65 17.05 -24.12
C GLU B 78 -8.94 17.12 -25.48
N TRP B 79 -7.96 16.25 -25.70
CA TRP B 79 -7.31 16.22 -27.00
C TRP B 79 -8.31 15.78 -28.05
N LEU B 80 -9.12 14.79 -27.68
CA LEU B 80 -10.14 14.28 -28.58
C LEU B 80 -11.20 15.34 -28.82
N GLU B 81 -11.75 15.87 -27.72
CA GLU B 81 -12.81 16.87 -27.78
C GLU B 81 -12.38 18.11 -28.56
N GLU B 82 -11.06 18.27 -28.69
CA GLU B 82 -10.52 19.38 -29.43
C GLU B 82 -10.28 18.98 -30.88
N CYS B 83 -9.94 17.72 -31.10
CA CYS B 83 -9.78 17.18 -32.46
C CYS B 83 -11.11 17.28 -33.19
N PHE B 84 -12.18 17.08 -32.44
CA PHE B 84 -13.53 17.07 -33.00
C PHE B 84 -13.95 18.49 -33.41
N ARG B 85 -13.79 19.43 -32.48
CA ARG B 85 -14.02 20.84 -32.75
C ARG B 85 -13.27 21.31 -33.99
N CYS B 86 -11.98 20.97 -34.06
CA CYS B 86 -11.14 21.31 -35.22
C CYS B 86 -11.44 20.41 -36.42
N GLN B 87 -12.38 19.50 -36.25
CA GLN B 87 -12.69 18.53 -37.31
C GLN B 87 -11.41 17.91 -37.86
N LYS B 88 -10.39 17.77 -37.02
CA LYS B 88 -9.12 17.16 -37.41
C LYS B 88 -8.32 16.65 -36.21
N PHE B 89 -7.49 15.65 -36.46
CA PHE B 89 -6.61 15.12 -35.41
C PHE B 89 -5.44 16.06 -35.19
N ILE B 90 -5.55 16.83 -34.12
CA ILE B 90 -4.61 17.92 -33.84
C ILE B 90 -3.35 17.41 -33.14
N ASP B 91 -2.40 18.31 -32.92
CA ASP B 91 -1.16 17.98 -32.22
C ASP B 91 -1.41 17.71 -30.73
N GLU B 92 -0.86 16.59 -30.26
CA GLU B 92 -1.09 16.13 -28.90
C GLU B 92 -0.17 16.77 -27.87
N GLN B 93 1.01 17.19 -28.31
CA GLN B 93 1.99 17.81 -27.42
C GLN B 93 1.33 18.75 -26.42
N ASN B 94 0.27 19.42 -26.86
CA ASN B 94 -0.45 20.37 -26.01
C ASN B 94 -1.44 19.73 -25.02
N TYR B 95 -1.59 18.41 -25.08
CA TYR B 95 -2.57 17.71 -24.24
C TYR B 95 -2.00 16.49 -23.51
N ILE B 96 -0.67 16.39 -23.48
CA ILE B 96 0.01 15.33 -22.74
C ILE B 96 -0.61 15.19 -21.35
N LEU B 97 -0.95 13.97 -20.95
CA LEU B 97 -1.50 13.79 -19.62
C LEU B 97 -0.50 14.33 -18.61
N ARG B 98 -1.00 14.75 -17.46
CA ARG B 98 -0.15 15.33 -16.44
C ARG B 98 -0.94 15.36 -15.16
N ASP B 99 -1.02 14.20 -14.52
CA ASP B 99 -1.72 14.05 -13.25
C ASP B 99 -0.80 14.58 -12.14
N ALA B 100 -1.17 15.71 -11.55
CA ALA B 100 -0.33 16.34 -10.54
C ALA B 100 -0.19 15.46 -9.32
N GLU B 101 -1.32 14.94 -8.84
CA GLU B 101 -1.32 14.13 -7.63
C GLU B 101 -0.53 12.83 -7.78
N ALA B 102 -0.47 12.31 -9.00
CA ALA B 102 0.19 11.03 -9.24
C ALA B 102 1.68 11.16 -9.53
N GLU B 103 2.04 12.14 -10.34
CA GLU B 103 3.45 12.37 -10.64
C GLU B 103 4.23 12.67 -9.36
N VAL B 104 3.50 13.04 -8.30
CA VAL B 104 4.10 13.30 -7.01
C VAL B 104 4.13 12.00 -6.22
N LEU B 105 3.01 11.30 -6.22
CA LEU B 105 2.84 10.07 -5.47
C LEU B 105 3.86 8.99 -5.89
N PHE B 106 4.35 9.07 -7.12
CA PHE B 106 5.30 8.09 -7.65
C PHE B 106 6.59 8.73 -8.11
N SER B 107 6.70 10.03 -7.86
CA SER B 107 7.94 10.76 -8.14
C SER B 107 8.43 10.51 -9.55
N PHE B 108 7.58 10.76 -10.53
CA PHE B 108 8.02 10.58 -11.90
C PHE B 108 7.33 11.57 -12.82
N SER B 109 7.86 11.65 -14.04
CA SER B 109 7.19 12.36 -15.11
C SER B 109 6.63 11.33 -16.08
N LEU B 110 5.31 11.27 -16.19
CA LEU B 110 4.69 10.36 -17.13
C LEU B 110 5.29 10.57 -18.50
N GLU B 111 5.64 11.82 -18.80
CA GLU B 111 6.20 12.16 -20.08
C GLU B 111 7.61 11.58 -20.26
N GLU B 112 8.40 11.63 -19.20
CA GLU B 112 9.72 11.00 -19.23
C GLU B 112 9.55 9.50 -19.40
N SER B 113 8.56 8.94 -18.71
CA SER B 113 8.27 7.53 -18.81
C SER B 113 8.11 7.13 -20.26
N LEU B 114 7.40 7.96 -21.04
CA LEU B 114 7.17 7.64 -22.45
C LEU B 114 8.44 7.73 -23.25
N LYS B 115 9.27 8.72 -22.92
CA LYS B 115 10.54 8.86 -23.62
C LYS B 115 11.34 7.59 -23.45
N ARG B 116 11.47 7.15 -22.20
CA ARG B 116 12.32 6.02 -21.87
C ARG B 116 11.81 4.73 -22.49
N ALA B 117 10.49 4.56 -22.57
CA ALA B 117 9.90 3.41 -23.22
C ALA B 117 10.29 3.35 -24.69
N HIS B 118 10.54 4.51 -25.29
CA HIS B 118 10.95 4.54 -26.71
C HIS B 118 12.43 4.23 -26.87
N VAL B 119 13.25 4.74 -25.96
CA VAL B 119 14.67 4.43 -25.94
C VAL B 119 14.89 2.90 -25.93
N SER B 120 14.09 2.19 -25.15
CA SER B 120 14.32 0.75 -24.94
C SER B 120 13.23 0.09 -24.09
N PRO B 121 12.77 -1.09 -24.53
CA PRO B 121 11.81 -1.85 -23.70
C PRO B 121 12.41 -2.11 -22.31
N LEU B 122 11.65 -1.75 -21.28
CA LEU B 122 12.17 -1.76 -19.90
C LEU B 122 12.70 -3.12 -19.48
N PHE B 123 11.97 -4.18 -19.82
CA PHE B 123 12.31 -5.52 -19.38
C PHE B 123 12.99 -6.36 -20.48
N LYS B 124 13.48 -5.69 -21.51
CA LYS B 124 14.21 -6.31 -22.60
C LYS B 124 15.23 -7.30 -22.08
N ALA B 125 15.16 -8.54 -22.55
CA ALA B 125 16.21 -9.51 -22.27
C ALA B 125 16.14 -9.96 -20.81
N LYS B 126 14.96 -9.87 -20.20
CA LYS B 126 14.80 -10.31 -18.83
C LYS B 126 13.71 -11.34 -18.69
N TYR B 127 14.04 -12.38 -17.94
CA TYR B 127 13.06 -13.35 -17.52
C TYR B 127 12.54 -12.98 -16.14
N PHE B 128 11.26 -13.22 -15.91
CA PHE B 128 10.71 -13.12 -14.59
C PHE B 128 10.14 -14.48 -14.24
N TYR B 129 10.36 -14.92 -13.00
CA TYR B 129 9.55 -15.98 -12.46
C TYR B 129 8.66 -15.40 -11.37
N ILE B 130 7.35 -15.60 -11.52
CA ILE B 130 6.35 -15.01 -10.65
C ILE B 130 5.48 -16.09 -10.02
N THR B 131 5.44 -16.18 -8.69
CA THR B 131 4.60 -17.20 -8.07
C THR B 131 3.10 -17.03 -8.40
N PRO B 132 2.37 -18.15 -8.51
CA PRO B 132 1.01 -18.12 -9.04
C PRO B 132 -0.01 -17.35 -8.22
N GLY B 133 0.21 -17.16 -6.92
CA GLY B 133 -0.74 -16.44 -6.08
C GLY B 133 -0.56 -14.94 -6.09
N ILE B 134 0.29 -14.45 -6.99
CA ILE B 134 0.56 -13.02 -7.10
C ILE B 134 -0.74 -12.20 -7.23
N CYS B 135 -0.69 -10.94 -6.81
CA CYS B 135 -1.80 -10.01 -7.00
C CYS B 135 -1.21 -8.72 -7.54
N PRO B 136 -1.73 -8.22 -8.68
CA PRO B 136 -2.80 -8.70 -9.56
C PRO B 136 -2.51 -10.08 -10.08
N SER B 137 -3.46 -10.63 -10.85
CA SER B 137 -3.36 -12.01 -11.31
C SER B 137 -2.10 -12.25 -12.11
N LEU B 138 -1.56 -13.46 -11.98
CA LEU B 138 -0.43 -13.86 -12.78
C LEU B 138 -0.60 -13.43 -14.25
N SER B 139 -1.82 -13.56 -14.76
CA SER B 139 -2.08 -13.23 -16.15
C SER B 139 -1.86 -11.77 -16.41
N THR B 140 -2.42 -10.94 -15.54
CA THR B 140 -2.24 -9.50 -15.65
C THR B 140 -0.76 -9.16 -15.59
N MET B 141 -0.08 -9.73 -14.60
CA MET B 141 1.35 -9.49 -14.44
C MET B 141 2.12 -9.84 -15.71
N LYS B 142 1.73 -10.96 -16.32
CA LYS B 142 2.41 -11.46 -17.51
C LYS B 142 2.25 -10.47 -18.65
N ALA B 143 1.01 -10.05 -18.87
CA ALA B 143 0.72 -9.10 -19.93
C ALA B 143 1.60 -7.87 -19.78
N ILE B 144 1.65 -7.35 -18.56
CA ILE B 144 2.44 -6.15 -18.30
C ILE B 144 3.90 -6.40 -18.55
N VAL B 145 4.42 -7.51 -18.02
CA VAL B 145 5.83 -7.82 -18.20
C VAL B 145 6.17 -7.99 -19.67
N GLU B 146 5.28 -8.66 -20.41
CA GLU B 146 5.57 -8.96 -21.81
C GLU B 146 5.35 -7.76 -22.73
N CYS B 147 4.41 -6.87 -22.40
CA CYS B 147 4.35 -5.60 -23.11
C CYS B 147 5.61 -4.77 -22.96
N ALA B 148 6.36 -5.01 -21.88
CA ALA B 148 7.59 -4.27 -21.65
C ALA B 148 8.85 -5.02 -22.15
N GLY B 149 8.66 -6.02 -22.99
CA GLY B 149 9.79 -6.71 -23.60
C GLY B 149 10.35 -7.87 -22.77
N GLY B 150 9.62 -8.27 -21.74
CA GLY B 150 10.12 -9.29 -20.84
C GLY B 150 9.45 -10.63 -21.09
N LYS B 151 9.92 -11.66 -20.39
CA LYS B 151 9.40 -13.00 -20.59
C LYS B 151 9.13 -13.64 -19.25
N VAL B 152 7.90 -14.08 -19.03
CA VAL B 152 7.54 -14.78 -17.81
C VAL B 152 7.77 -16.27 -17.94
N LEU B 153 8.63 -16.82 -17.08
CA LEU B 153 8.87 -18.26 -17.05
C LEU B 153 7.68 -19.01 -16.45
N SER B 154 7.45 -20.22 -16.93
CA SER B 154 6.37 -21.02 -16.38
C SER B 154 6.79 -21.83 -15.15
N LYS B 155 8.06 -22.22 -15.11
CA LYS B 155 8.59 -23.05 -14.02
C LYS B 155 9.67 -22.31 -13.28
N GLN B 156 9.80 -22.56 -11.98
CA GLN B 156 10.85 -21.89 -11.23
C GLN B 156 12.21 -22.28 -11.78
N PRO B 157 13.10 -21.30 -11.88
CA PRO B 157 14.40 -21.52 -12.50
C PRO B 157 15.37 -22.22 -11.54
N SER B 158 16.25 -23.06 -12.07
CA SER B 158 17.27 -23.69 -11.26
C SER B 158 18.30 -22.67 -10.82
N PHE B 159 19.07 -23.03 -9.81
CA PHE B 159 20.20 -22.19 -9.42
C PHE B 159 21.18 -21.95 -10.57
N ARG B 160 21.50 -22.99 -11.35
CA ARG B 160 22.37 -22.81 -12.53
C ARG B 160 21.87 -21.71 -13.46
N LYS B 161 20.58 -21.76 -13.79
CA LYS B 161 20.02 -20.80 -14.71
C LYS B 161 20.17 -19.38 -14.16
N LEU B 162 20.02 -19.26 -12.84
CA LEU B 162 20.14 -17.97 -12.14
C LEU B 162 21.52 -17.36 -12.23
N MET B 163 22.54 -18.20 -12.26
CA MET B 163 23.93 -17.74 -12.36
C MET B 163 24.35 -17.30 -13.76
N GLU B 164 23.57 -17.65 -14.79
CA GLU B 164 23.98 -17.45 -16.17
C GLU B 164 24.36 -16.02 -16.43
N HIS B 165 23.49 -15.09 -16.05
CA HIS B 165 23.70 -13.69 -16.39
C HIS B 165 24.99 -13.14 -15.79
N LYS B 166 25.28 -13.57 -14.56
CA LYS B 166 26.52 -13.20 -13.89
C LYS B 166 27.74 -13.75 -14.65
N GLN B 167 27.66 -15.00 -15.08
CA GLN B 167 28.75 -15.62 -15.80
C GLN B 167 28.97 -15.03 -17.20
N ASN B 168 27.93 -14.42 -17.74
CA ASN B 168 27.92 -14.01 -19.14
C ASN B 168 26.78 -13.04 -19.30
N SER B 169 27.12 -11.76 -19.40
CA SER B 169 26.12 -10.71 -19.35
C SER B 169 25.17 -10.77 -20.54
N SER B 170 25.58 -11.45 -21.62
CA SER B 170 24.72 -11.55 -22.80
C SER B 170 23.58 -12.57 -22.60
N LEU B 171 23.71 -13.39 -21.56
CA LEU B 171 22.62 -14.30 -21.19
C LEU B 171 21.59 -13.53 -20.36
N SER B 172 20.35 -13.98 -20.36
CA SER B 172 19.27 -13.20 -19.75
C SER B 172 19.24 -13.26 -18.22
N GLU B 173 19.17 -12.08 -17.62
CA GLU B 173 18.95 -11.97 -16.18
C GLU B 173 17.58 -12.56 -15.79
N ILE B 174 17.52 -13.16 -14.62
CA ILE B 174 16.24 -13.60 -14.08
C ILE B 174 15.84 -12.80 -12.87
N ILE B 175 14.59 -12.34 -12.86
CA ILE B 175 14.04 -11.60 -11.75
C ILE B 175 12.95 -12.43 -11.08
N LEU B 176 13.00 -12.51 -9.76
CA LEU B 176 12.02 -13.28 -9.01
C LEU B 176 10.98 -12.38 -8.36
N ILE B 177 9.71 -12.72 -8.55
CA ILE B 177 8.63 -11.94 -7.98
C ILE B 177 7.68 -12.85 -7.22
N SER B 178 7.36 -12.48 -5.98
CA SER B 178 6.40 -13.24 -5.22
C SER B 178 5.52 -12.31 -4.39
N CYS B 179 4.75 -12.89 -3.48
CA CYS B 179 4.04 -12.12 -2.48
C CYS B 179 4.07 -12.89 -1.16
N GLU B 180 3.52 -12.25 -0.12
CA GLU B 180 3.58 -12.81 1.23
C GLU B 180 2.95 -14.19 1.31
N ASN B 181 1.79 -14.35 0.69
CA ASN B 181 1.11 -15.64 0.69
C ASN B 181 2.00 -16.76 0.08
N ASP B 182 2.84 -16.41 -0.89
CA ASP B 182 3.63 -17.40 -1.65
C ASP B 182 5.08 -17.51 -1.22
N LEU B 183 5.48 -16.70 -0.25
CA LEU B 183 6.90 -16.56 0.03
C LEU B 183 7.62 -17.86 0.41
N HIS B 184 6.88 -18.81 0.97
CA HIS B 184 7.48 -20.09 1.33
C HIS B 184 7.94 -20.86 0.08
N LEU B 185 7.23 -20.67 -1.03
CA LEU B 185 7.61 -21.27 -2.30
C LEU B 185 8.99 -20.87 -2.77
N CYS B 186 9.51 -19.76 -2.24
CA CYS B 186 10.80 -19.23 -2.63
C CYS B 186 11.86 -19.51 -1.56
N ARG B 187 11.51 -20.33 -0.57
CA ARG B 187 12.36 -20.43 0.62
C ARG B 187 13.82 -20.77 0.28
N GLU B 188 14.03 -21.63 -0.71
CA GLU B 188 15.38 -22.01 -1.09
C GLU B 188 16.16 -20.85 -1.71
N TYR B 189 15.48 -19.95 -2.41
CA TYR B 189 16.18 -18.81 -3.00
C TYR B 189 16.57 -17.84 -1.91
N PHE B 190 15.64 -17.66 -0.96
CA PHE B 190 15.93 -16.84 0.22
C PHE B 190 17.12 -17.43 0.95
N ALA B 191 17.11 -18.74 1.17
CA ALA B 191 18.22 -19.39 1.88
C ALA B 191 19.55 -19.12 1.21
N ARG B 192 19.58 -19.08 -0.11
CA ARG B 192 20.85 -18.89 -0.80
C ARG B 192 21.22 -17.42 -1.01
N GLY B 193 20.29 -16.52 -0.68
CA GLY B 193 20.57 -15.10 -0.74
C GLY B 193 20.18 -14.41 -2.05
N ILE B 194 19.27 -15.02 -2.78
CA ILE B 194 18.79 -14.45 -4.05
C ILE B 194 17.67 -13.46 -3.78
N ASP B 195 17.76 -12.28 -4.40
CA ASP B 195 16.73 -11.27 -4.28
C ASP B 195 15.37 -11.83 -4.69
N VAL B 196 14.32 -11.48 -3.95
CA VAL B 196 12.94 -11.71 -4.37
C VAL B 196 12.17 -10.43 -4.12
N HIS B 197 11.42 -9.95 -5.12
CA HIS B 197 10.76 -8.66 -5.04
C HIS B 197 9.24 -8.80 -5.02
N ASN B 198 8.54 -7.79 -4.48
CA ASN B 198 7.08 -7.80 -4.59
C ASN B 198 6.60 -7.26 -5.94
N ALA B 199 5.30 -7.33 -6.19
CA ALA B 199 4.73 -7.00 -7.50
C ALA B 199 5.00 -5.56 -7.95
N GLU B 200 5.23 -4.67 -7.00
CA GLU B 200 5.54 -3.27 -7.34
C GLU B 200 6.78 -3.14 -8.20
N PHE B 201 7.71 -4.09 -8.09
CA PHE B 201 8.86 -4.10 -8.98
C PHE B 201 8.37 -3.96 -10.42
N VAL B 202 7.26 -4.62 -10.72
CA VAL B 202 6.71 -4.57 -12.05
C VAL B 202 5.71 -3.41 -12.22
N LEU B 203 4.74 -3.30 -11.33
CA LEU B 203 3.70 -2.28 -11.48
C LEU B 203 4.26 -0.86 -11.49
N THR B 204 5.05 -0.53 -10.47
CA THR B 204 5.69 0.79 -10.42
C THR B 204 6.84 0.90 -11.40
N GLY B 205 7.60 -0.18 -11.55
CA GLY B 205 8.65 -0.20 -12.54
C GLY B 205 8.21 0.26 -13.93
N VAL B 206 7.17 -0.37 -14.50
CA VAL B 206 6.73 0.03 -15.84
C VAL B 206 6.13 1.43 -15.86
N LEU B 207 5.35 1.80 -14.84
CA LEU B 207 4.74 3.14 -14.78
C LEU B 207 5.80 4.23 -14.83
N THR B 208 6.86 4.05 -14.07
CA THR B 208 7.91 5.05 -14.03
C THR B 208 9.04 4.69 -14.98
N GLN B 209 8.94 3.54 -15.63
CA GLN B 209 9.98 3.07 -16.54
C GLN B 209 11.40 3.09 -15.96
N THR B 210 11.51 2.58 -14.73
CA THR B 210 12.80 2.45 -14.03
C THR B 210 12.92 1.06 -13.41
N LEU B 211 14.14 0.58 -13.25
CA LEU B 211 14.38 -0.67 -12.53
C LEU B 211 14.87 -0.37 -11.11
N ASP B 212 14.18 -0.90 -10.10
CA ASP B 212 14.58 -0.63 -8.73
C ASP B 212 14.69 -1.93 -7.95
N TYR B 213 15.92 -2.33 -7.68
CA TYR B 213 16.20 -3.59 -7.02
C TYR B 213 16.25 -3.48 -5.49
N GLU B 214 15.94 -2.31 -4.94
CA GLU B 214 16.00 -2.16 -3.49
C GLU B 214 14.62 -2.01 -2.84
N SER B 215 13.79 -1.14 -3.41
CA SER B 215 12.55 -0.71 -2.76
C SER B 215 11.51 -1.81 -2.54
N TYR B 216 11.58 -2.87 -3.33
CA TYR B 216 10.50 -3.84 -3.31
C TYR B 216 11.02 -5.21 -2.97
N LYS B 217 12.26 -5.28 -2.51
CA LYS B 217 12.86 -6.55 -2.19
C LYS B 217 12.29 -7.05 -0.86
N PHE B 218 12.05 -8.34 -0.75
CA PHE B 218 11.64 -8.93 0.52
C PHE B 218 12.85 -9.17 1.42
N ASN B 219 13.91 -9.73 0.84
CA ASN B 219 15.01 -10.29 1.63
C ASN B 219 15.44 -9.38 2.78
N LYS C 1 -29.19 0.12 20.16
CA LYS C 1 -28.84 1.50 20.48
C LYS C 1 -28.99 2.41 19.27
N LYS C 2 -29.49 3.62 19.49
CA LYS C 2 -29.56 4.64 18.43
C LYS C 2 -28.19 4.72 17.74
N ALA C 3 -28.16 4.89 16.44
CA ALA C 3 -26.93 5.08 15.73
C ALA C 3 -26.25 6.37 16.12
N THR C 4 -24.95 6.32 16.25
CA THR C 4 -24.19 7.53 16.44
C THR C 4 -22.87 7.62 15.67
N GLN C 5 -22.26 8.76 15.76
CA GLN C 5 -21.02 9.03 15.02
C GLN C 5 -19.81 8.63 15.82
N ALA C 6 -20.02 8.36 17.10
CA ALA C 6 -18.93 8.15 18.04
C ALA C 6 -17.98 7.04 17.60
N GLN C 8 -15.94 3.91 18.00
CA GLN C 8 -16.08 2.77 18.88
C GLN C 8 -14.76 2.39 19.53
N GLU C 9 -14.83 2.03 20.81
CA GLU C 9 -13.69 1.49 21.53
C GLU C 9 -13.73 -0.02 21.52
N TYR C 10 -12.55 -0.65 21.48
CA TYR C 10 -12.45 -2.11 21.40
C TYR C 10 -11.60 -2.72 22.53
N GLN D 8 -10.55 -2.45 -13.06
CA GLN D 8 -9.80 -2.58 -11.81
C GLN D 8 -8.53 -1.77 -11.82
N GLU D 9 -8.29 -1.08 -10.70
CA GLU D 9 -7.04 -0.35 -10.49
C GLU D 9 -6.10 -1.19 -9.63
N TYR D 10 -4.80 -1.08 -9.86
CA TYR D 10 -3.84 -1.88 -9.13
C TYR D 10 -2.80 -1.05 -8.40
#